data_4WVL
#
_entry.id   4WVL
#
_cell.length_a   151.104
_cell.length_b   151.104
_cell.length_c   53.387
_cell.angle_alpha   90.00
_cell.angle_beta   90.00
_cell.angle_gamma   120.00
#
_symmetry.space_group_name_H-M   'P 65'
#
loop_
_entity.id
_entity.type
_entity.pdbx_description
1 polymer 'Histone-lysine N-methyltransferase, H3 lysine-79 specific'
2 non-polymer "N-[4-(acetylamino)butyl]-5'-[(3-{[(4-tert-butylphenyl)carbamoyl]amino}propyl)(propan-2-yl)amino]-5'-deoxyadenosine"
3 non-polymer 'SULFATE ION'
4 non-polymer GLYCEROL
5 non-polymer 1,2-ETHANEDIOL
6 water water
#
_entity_poly.entity_id   1
_entity_poly.type   'polypeptide(L)'
_entity_poly.pdbx_seq_one_letter_code
;MGEKLELRLKSPVGAEPAVYPWPLPVYDKHHDAAHEIIETIRWVCEEIPDLKLAMENYVLIDYDTKSFESMQRLCDKYNR
AIDSIHQLWKGTTQPMKLNTRPSTGLLRHILQQVYNHSVTDPEKLNNYEPFSPEVYGETSFDLVAQMIDEIKMTDDDLFV
DLGSGVGQVVLQVAAATNCKHHYGVEKADIPAKYAETMDREFRKWMKWYGKKHAEYTLERGDFLSEEWRERIANTSVIFV
NNFAFGPEVDHQLKERFANMKEGGRIVSSKPFAPLNFRINSRNLSDIGTIMRVVELSPLKGSVSWTGKPVSYYLHTIDRT
ILENYFSSLKNPKLREEQEAARRRQQR
;
_entity_poly.pdbx_strand_id   A
#
loop_
_chem_comp.id
_chem_comp.type
_chem_comp.name
_chem_comp.formula
3US non-polymer N-[4-(acetylamino)butyl]-5'-[(3-{[(4-tert-butylphenyl)carbamoyl]amino}propyl)(propan-2-yl)amino]-5'-deoxyadenosine 'C33 H51 N9 O5'
EDO non-polymer 1,2-ETHANEDIOL 'C2 H6 O2'
GOL non-polymer GLYCEROL 'C3 H8 O3'
SO4 non-polymer 'SULFATE ION' 'O4 S -2'
#
# COMPACT_ATOMS: atom_id res chain seq x y z
N LYS A 4 10.79 -6.12 37.65
CA LYS A 4 10.26 -5.83 36.32
C LYS A 4 10.99 -4.66 35.67
N LEU A 5 12.08 -4.96 34.98
CA LEU A 5 12.84 -3.96 34.25
C LEU A 5 12.13 -3.52 32.98
N GLU A 6 12.29 -2.25 32.61
CA GLU A 6 11.65 -1.70 31.43
C GLU A 6 12.57 -0.77 30.65
N LEU A 7 12.29 -0.63 29.37
CA LEU A 7 12.91 0.39 28.56
C LEU A 7 11.81 1.28 27.98
N ARG A 8 12.03 2.59 27.99
CA ARG A 8 11.03 3.55 27.56
C ARG A 8 11.60 4.49 26.50
N LEU A 9 10.80 4.77 25.47
CA LEU A 9 11.14 5.80 24.49
C LEU A 9 10.07 6.88 24.53
N LYS A 10 10.50 8.13 24.74
CA LYS A 10 9.60 9.26 24.68
C LYS A 10 9.20 9.58 23.24
N SER A 11 7.94 9.95 23.05
CA SER A 11 7.46 10.42 21.76
C SER A 11 8.03 11.80 21.42
N PRO A 12 8.45 11.99 20.17
CA PRO A 12 8.96 13.30 19.74
C PRO A 12 7.89 14.40 19.73
N VAL A 13 6.62 14.04 19.85
CA VAL A 13 5.56 15.06 19.85
C VAL A 13 4.71 14.95 21.12
N GLY A 14 5.26 14.35 22.15
CA GLY A 14 4.63 14.35 23.46
C GLY A 14 3.49 13.35 23.63
N ALA A 15 3.38 12.38 22.73
CA ALA A 15 2.44 11.30 22.92
C ALA A 15 2.90 10.41 24.08
N GLU A 16 2.10 9.40 24.43
CA GLU A 16 2.48 8.48 25.49
C GLU A 16 3.77 7.73 25.10
N PRO A 17 4.66 7.53 26.08
CA PRO A 17 5.94 6.84 25.82
C PRO A 17 5.75 5.41 25.33
N ALA A 18 6.68 4.94 24.50
CA ALA A 18 6.72 3.53 24.12
C ALA A 18 7.44 2.75 25.21
N VAL A 19 6.78 1.74 25.77
CA VAL A 19 7.35 0.97 26.86
C VAL A 19 7.63 -0.48 26.46
N TYR A 20 8.85 -0.93 26.71
CA TYR A 20 9.29 -2.28 26.38
C TYR A 20 9.79 -3.02 27.61
N PRO A 21 9.29 -4.25 27.83
CA PRO A 21 9.74 -5.05 28.97
C PRO A 21 11.12 -5.66 28.72
N TRP A 22 11.93 -5.79 29.78
CA TRP A 22 13.20 -6.48 29.68
C TRP A 22 13.10 -7.85 30.37
N PRO A 23 13.64 -8.91 29.73
CA PRO A 23 14.35 -8.89 28.44
C PRO A 23 13.44 -8.58 27.26
N LEU A 24 14.01 -7.95 26.24
CA LEU A 24 13.26 -7.45 25.10
C LEU A 24 12.67 -8.58 24.27
N PRO A 25 11.35 -8.54 24.05
CA PRO A 25 10.64 -9.61 23.33
C PRO A 25 11.15 -9.82 21.91
N VAL A 26 11.00 -11.05 21.44
CA VAL A 26 11.29 -11.40 20.05
C VAL A 26 9.98 -11.57 19.27
N TYR A 27 9.90 -10.95 18.09
CA TYR A 27 8.68 -11.03 17.28
C TYR A 27 8.72 -12.23 16.34
N ASP A 28 9.75 -12.28 15.51
CA ASP A 28 10.04 -13.46 14.69
C ASP A 28 11.55 -13.58 14.53
N LYS A 29 11.97 -14.42 13.59
CA LYS A 29 13.40 -14.73 13.44
C LYS A 29 14.22 -13.50 13.03
N HIS A 30 13.59 -12.54 12.37
CA HIS A 30 14.32 -11.38 11.88
C HIS A 30 13.86 -10.06 12.50
N HIS A 31 13.07 -10.14 13.56
CA HIS A 31 12.59 -8.93 14.21
C HIS A 31 12.44 -9.12 15.70
N ASP A 32 13.01 -8.19 16.47
CA ASP A 32 12.86 -8.19 17.91
C ASP A 32 12.76 -6.76 18.42
N ALA A 33 12.40 -6.60 19.69
CA ALA A 33 12.20 -5.29 20.27
C ALA A 33 13.48 -4.44 20.30
N ALA A 34 14.61 -5.10 20.48
CA ALA A 34 15.89 -4.41 20.57
C ALA A 34 16.18 -3.60 19.31
N HIS A 35 15.99 -4.22 18.15
CA HIS A 35 16.28 -3.55 16.90
C HIS A 35 15.16 -2.58 16.54
N GLU A 36 13.94 -2.87 16.98
CA GLU A 36 12.84 -1.92 16.80
C GLU A 36 13.14 -0.63 17.57
N ILE A 37 13.69 -0.76 18.77
CA ILE A 37 14.07 0.40 19.57
C ILE A 37 15.15 1.21 18.88
N ILE A 38 16.19 0.53 18.41
CA ILE A 38 17.30 1.20 17.72
C ILE A 38 16.82 1.87 16.44
N GLU A 39 15.95 1.20 15.69
CA GLU A 39 15.43 1.76 14.46
C GLU A 39 14.52 2.94 14.72
N THR A 40 13.71 2.85 15.78
CA THR A 40 12.83 3.96 16.13
C THR A 40 13.65 5.19 16.46
N ILE A 41 14.67 5.01 17.29
CA ILE A 41 15.54 6.12 17.69
C ILE A 41 16.16 6.78 16.48
N ARG A 42 16.64 5.99 15.54
CA ARG A 42 17.38 6.63 14.47
C ARG A 42 16.45 7.16 13.39
N TRP A 43 15.21 6.68 13.32
CA TRP A 43 14.25 7.32 12.43
C TRP A 43 13.72 8.65 13.01
N VAL A 44 13.57 8.73 14.32
CA VAL A 44 13.19 10.00 14.94
C VAL A 44 14.31 11.02 14.74
N CYS A 45 15.55 10.54 14.70
CA CYS A 45 16.69 11.41 14.37
C CYS A 45 16.60 11.97 12.95
N GLU A 46 16.07 11.17 12.03
CA GLU A 46 15.84 11.65 10.66
C GLU A 46 14.72 12.66 10.64
N GLU A 47 13.73 12.48 11.51
CA GLU A 47 12.63 13.43 11.64
C GLU A 47 13.12 14.80 12.10
N ILE A 48 14.03 14.78 13.08
CA ILE A 48 14.47 16.01 13.74
C ILE A 48 15.99 16.17 13.66
N PRO A 49 16.45 17.03 12.76
CA PRO A 49 17.89 17.27 12.56
C PRO A 49 18.62 17.64 13.86
N ASP A 50 18.02 18.48 14.70
CA ASP A 50 18.65 18.86 15.96
C ASP A 50 18.87 17.65 16.88
N LEU A 51 17.93 16.71 16.83
CA LEU A 51 18.06 15.47 17.57
C LEU A 51 19.21 14.64 17.03
N LYS A 52 19.28 14.52 15.70
CA LYS A 52 20.34 13.76 15.07
C LYS A 52 21.69 14.39 15.37
N LEU A 53 21.69 15.71 15.42
CA LEU A 53 22.89 16.47 15.70
C LEU A 53 23.38 16.27 17.14
N ALA A 54 22.44 16.07 18.06
CA ALA A 54 22.79 15.85 19.46
C ALA A 54 23.20 14.40 19.72
N MET A 55 22.50 13.45 19.10
CA MET A 55 22.74 12.04 19.36
C MET A 55 24.14 11.60 18.90
N GLU A 56 24.67 12.26 17.88
CA GLU A 56 26.00 11.93 17.37
C GLU A 56 27.09 12.70 18.11
N ASP A 62 24.01 1.98 21.82
CA ASP A 62 24.08 1.59 20.42
C ASP A 62 25.21 0.58 20.24
N TYR A 63 25.41 -0.25 21.27
CA TYR A 63 26.43 -1.30 21.22
C TYR A 63 25.83 -2.67 21.47
N ASP A 64 25.78 -3.05 22.75
CA ASP A 64 25.32 -4.39 23.11
C ASP A 64 23.80 -4.43 23.29
N THR A 65 23.11 -5.13 22.38
CA THR A 65 21.67 -5.24 22.45
C THR A 65 21.22 -6.29 23.47
N LYS A 66 22.18 -7.01 24.05
CA LYS A 66 21.84 -8.00 25.08
C LYS A 66 22.27 -7.54 26.47
N SER A 67 22.82 -6.34 26.56
CA SER A 67 23.11 -5.74 27.86
C SER A 67 22.01 -4.74 28.22
N PHE A 68 21.44 -4.89 29.40
CA PHE A 68 20.40 -3.98 29.85
C PHE A 68 20.97 -2.58 30.07
N GLU A 69 22.12 -2.52 30.74
CA GLU A 69 22.78 -1.24 31.00
C GLU A 69 23.14 -0.52 29.71
N SER A 70 23.60 -1.27 28.71
CA SER A 70 23.96 -0.69 27.42
C SER A 70 22.75 -0.14 26.68
N MET A 71 21.66 -0.91 26.69
CA MET A 71 20.42 -0.48 26.05
C MET A 71 19.75 0.67 26.80
N GLN A 72 19.87 0.66 28.12
CA GLN A 72 19.22 1.69 28.92
C GLN A 72 19.94 3.03 28.79
N ARG A 73 21.25 2.96 28.61
CA ARG A 73 22.04 4.16 28.36
C ARG A 73 21.72 4.74 26.99
N LEU A 74 21.40 3.86 26.04
CA LEU A 74 20.98 4.31 24.71
C LEU A 74 19.64 5.03 24.79
N CYS A 75 18.67 4.42 25.49
CA CYS A 75 17.35 5.02 25.65
C CYS A 75 17.40 6.31 26.46
N ASP A 76 18.21 6.33 27.50
CA ASP A 76 18.41 7.52 28.32
C ASP A 76 18.96 8.68 27.52
N LYS A 77 19.98 8.39 26.70
CA LYS A 77 20.58 9.43 25.87
C LYS A 77 19.53 9.99 24.91
N TYR A 78 18.71 9.10 24.34
CA TYR A 78 17.65 9.52 23.46
C TYR A 78 16.59 10.37 24.18
N ASN A 79 16.13 9.90 25.33
CA ASN A 79 15.08 10.59 26.07
C ASN A 79 15.52 11.95 26.58
N ARG A 80 16.78 12.06 26.99
CA ARG A 80 17.32 13.32 27.46
C ARG A 80 17.45 14.30 26.29
N ALA A 81 17.80 13.76 25.13
CA ALA A 81 17.89 14.56 23.91
C ALA A 81 16.51 15.08 23.52
N ILE A 82 15.51 14.21 23.61
CA ILE A 82 14.13 14.59 23.35
C ILE A 82 13.69 15.72 24.28
N ASP A 83 14.02 15.62 25.56
CA ASP A 83 13.68 16.66 26.52
C ASP A 83 14.27 18.01 26.11
N SER A 84 15.54 18.00 25.67
CA SER A 84 16.20 19.24 25.29
C SER A 84 15.56 19.81 24.03
N ILE A 85 15.17 18.93 23.10
CA ILE A 85 14.49 19.38 21.89
C ILE A 85 13.16 20.06 22.23
N HIS A 86 12.43 19.47 23.18
CA HIS A 86 11.16 20.05 23.59
C HIS A 86 11.37 21.41 24.26
N GLN A 87 12.45 21.56 24.99
CA GLN A 87 12.78 22.86 25.58
C GLN A 87 13.12 23.84 24.47
N LEU A 88 13.81 23.35 23.45
CA LEU A 88 14.22 24.16 22.31
C LEU A 88 12.99 24.72 21.61
N TRP A 89 11.94 23.93 21.57
CA TRP A 89 10.68 24.33 20.96
C TRP A 89 9.91 25.32 21.83
N LYS A 90 10.12 25.26 23.14
CA LYS A 90 9.48 26.23 24.04
C LYS A 90 10.11 27.61 23.84
N GLY A 91 11.32 27.63 23.28
CA GLY A 91 12.01 28.87 22.99
C GLY A 91 11.57 29.45 21.67
N THR A 92 12.54 29.98 20.92
CA THR A 92 12.22 30.65 19.66
C THR A 92 12.19 29.68 18.48
N THR A 93 12.82 28.52 18.64
CA THR A 93 12.88 27.52 17.57
C THR A 93 11.49 26.97 17.24
N GLN A 94 11.16 26.93 15.95
CA GLN A 94 9.86 26.45 15.51
C GLN A 94 9.73 24.94 15.73
N PRO A 95 8.57 24.51 16.26
CA PRO A 95 8.31 23.08 16.51
C PRO A 95 8.26 22.25 15.23
N MET A 96 8.16 20.93 15.39
CA MET A 96 8.20 20.02 14.25
C MET A 96 6.89 20.03 13.45
N LYS A 97 7.04 19.76 12.14
CA LYS A 97 5.95 19.46 11.20
C LYS A 97 4.55 19.26 11.77
N LEU A 98 4.29 18.05 12.26
CA LEU A 98 3.01 17.64 12.88
C LEU A 98 1.88 17.39 11.86
N ASN A 99 2.06 17.81 10.62
CA ASN A 99 1.04 17.59 9.62
C ASN A 99 1.58 16.99 8.33
N THR A 100 2.85 16.60 8.35
CA THR A 100 3.46 16.02 7.18
C THR A 100 3.19 14.53 7.08
N ARG A 101 3.40 14.00 5.89
CA ARG A 101 3.34 12.58 5.68
C ARG A 101 4.69 12.00 6.04
N PRO A 102 4.72 10.72 6.41
CA PRO A 102 6.02 10.11 6.71
C PRO A 102 6.80 9.87 5.43
N SER A 103 8.11 9.97 5.50
CA SER A 103 8.94 9.58 4.37
C SER A 103 8.78 8.10 4.12
N THR A 104 9.17 7.64 2.94
CA THR A 104 9.04 6.24 2.57
C THR A 104 9.81 5.36 3.55
N GLY A 105 11.01 5.80 3.90
CA GLY A 105 11.85 5.06 4.82
C GLY A 105 11.26 4.95 6.21
N LEU A 106 10.66 6.04 6.68
CA LEU A 106 10.01 6.05 7.99
C LEU A 106 8.73 5.22 7.96
N LEU A 107 7.98 5.36 6.87
CA LEU A 107 6.73 4.62 6.72
C LEU A 107 6.98 3.11 6.75
N ARG A 108 8.05 2.65 6.11
CA ARG A 108 8.41 1.24 6.15
C ARG A 108 8.65 0.79 7.60
N HIS A 109 9.36 1.61 8.37
CA HIS A 109 9.63 1.28 9.77
C HIS A 109 8.35 1.21 10.57
N ILE A 110 7.48 2.20 10.38
CA ILE A 110 6.22 2.25 11.10
C ILE A 110 5.36 1.02 10.83
N LEU A 111 5.20 0.67 9.56
CA LEU A 111 4.40 -0.49 9.18
C LEU A 111 4.98 -1.79 9.77
N GLN A 112 6.30 -1.93 9.72
CA GLN A 112 6.96 -3.08 10.33
C GLN A 112 6.68 -3.11 11.83
N GLN A 113 6.76 -1.94 12.44
CA GLN A 113 6.50 -1.78 13.87
C GLN A 113 5.05 -2.16 14.19
N VAL A 114 4.13 -1.66 13.37
CA VAL A 114 2.71 -1.97 13.54
C VAL A 114 2.46 -3.46 13.40
N TYR A 115 3.09 -4.07 12.40
CA TYR A 115 2.99 -5.50 12.19
C TYR A 115 3.53 -6.30 13.38
N ASN A 116 4.68 -5.87 13.91
CA ASN A 116 5.27 -6.51 15.10
C ASN A 116 4.34 -6.58 16.30
N HIS A 117 3.55 -5.52 16.51
CA HIS A 117 2.70 -5.45 17.68
C HIS A 117 1.26 -5.90 17.39
N SER A 118 0.98 -6.27 16.14
CA SER A 118 -0.36 -6.73 15.77
C SER A 118 -0.44 -8.24 15.51
N VAL A 119 0.44 -8.74 14.65
CA VAL A 119 0.45 -10.14 14.27
C VAL A 119 1.36 -10.97 15.19
N THR A 120 0.79 -11.54 16.23
CA THR A 120 1.56 -12.31 17.21
C THR A 120 1.99 -13.66 16.66
N ASP A 121 1.40 -14.07 15.55
CA ASP A 121 1.73 -15.37 14.95
C ASP A 121 1.78 -15.27 13.44
N PRO A 122 2.95 -14.89 12.88
CA PRO A 122 3.14 -14.72 11.44
C PRO A 122 3.10 -16.06 10.69
N GLU A 123 2.90 -17.15 11.41
CA GLU A 123 2.94 -18.49 10.84
C GLU A 123 1.58 -18.96 10.33
N LYS A 124 0.51 -18.43 10.91
CA LYS A 124 -0.85 -18.78 10.49
C LYS A 124 -1.39 -17.84 9.42
N LEU A 125 -0.55 -16.91 8.99
CA LEU A 125 -0.86 -16.12 7.81
C LEU A 125 -0.36 -16.83 6.55
N ASN A 126 -0.76 -18.10 6.38
CA ASN A 126 -0.15 -18.97 5.39
C ASN A 126 -0.69 -18.71 3.99
N ASN A 127 -0.02 -17.79 3.29
CA ASN A 127 -0.44 -17.39 1.95
C ASN A 127 0.66 -17.62 0.92
N TYR A 128 0.80 -16.65 0.00
CA TYR A 128 1.81 -16.72 -1.05
C TYR A 128 2.24 -15.32 -1.47
N GLY A 137 3.27 -6.67 6.63
CA GLY A 137 4.24 -5.69 6.15
C GLY A 137 5.38 -6.36 5.40
N GLU A 138 5.04 -7.16 4.38
CA GLU A 138 6.03 -7.87 3.59
C GLU A 138 6.84 -6.92 2.72
N THR A 139 7.83 -7.47 1.99
CA THR A 139 8.67 -6.64 1.13
C THR A 139 8.00 -6.42 -0.23
N SER A 140 6.67 -6.35 -0.22
CA SER A 140 5.92 -5.81 -1.34
C SER A 140 5.81 -4.31 -1.11
N PHE A 141 6.38 -3.86 0.00
CA PHE A 141 6.39 -2.45 0.35
C PHE A 141 7.01 -1.62 -0.76
N ASP A 142 8.14 -2.08 -1.28
CA ASP A 142 8.84 -1.34 -2.34
C ASP A 142 8.04 -1.34 -3.64
N LEU A 143 7.35 -2.44 -3.92
CA LEU A 143 6.51 -2.55 -5.10
C LEU A 143 5.41 -1.51 -5.03
N VAL A 144 4.72 -1.49 -3.89
CA VAL A 144 3.62 -0.57 -3.68
C VAL A 144 4.14 0.87 -3.67
N ALA A 145 5.33 1.08 -3.12
CA ALA A 145 5.94 2.40 -3.08
C ALA A 145 6.18 2.91 -4.50
N GLN A 146 6.63 2.03 -5.38
CA GLN A 146 6.85 2.41 -6.76
C GLN A 146 5.53 2.80 -7.42
N MET A 147 4.46 2.04 -7.14
CA MET A 147 3.15 2.38 -7.69
C MET A 147 2.64 3.70 -7.15
N ILE A 148 2.89 3.98 -5.87
CA ILE A 148 2.45 5.24 -5.29
C ILE A 148 3.13 6.41 -6.01
N ASP A 149 4.40 6.21 -6.37
CA ASP A 149 5.15 7.23 -7.10
C ASP A 149 4.63 7.46 -8.53
N GLU A 150 4.16 6.41 -9.18
CA GLU A 150 3.81 6.49 -10.60
C GLU A 150 2.33 6.74 -10.88
N ILE A 151 1.47 6.20 -10.02
CA ILE A 151 0.03 6.36 -10.16
C ILE A 151 -0.43 7.58 -9.37
N LYS A 152 -0.62 8.70 -10.04
CA LYS A 152 -0.98 9.94 -9.36
C LYS A 152 -2.40 9.87 -8.80
N MET A 153 -2.54 10.23 -7.54
CA MET A 153 -3.84 10.26 -6.89
C MET A 153 -4.09 11.62 -6.25
N THR A 154 -5.35 12.07 -6.30
CA THR A 154 -5.74 13.35 -5.74
C THR A 154 -6.86 13.16 -4.73
N ASP A 155 -7.36 14.26 -4.24
CA ASP A 155 -8.36 14.26 -3.20
C ASP A 155 -9.74 13.91 -3.67
N ASP A 156 -9.90 13.69 -4.95
CA ASP A 156 -11.18 13.21 -5.47
C ASP A 156 -11.15 11.71 -5.76
N ASP A 157 -10.00 11.08 -5.52
CA ASP A 157 -9.86 9.65 -5.77
C ASP A 157 -10.36 8.80 -4.61
N LEU A 158 -10.99 7.69 -4.95
CA LEU A 158 -11.33 6.64 -3.98
C LEU A 158 -10.47 5.42 -4.27
N PHE A 159 -9.75 4.95 -3.26
CA PHE A 159 -8.81 3.83 -3.40
C PHE A 159 -9.35 2.56 -2.74
N VAL A 160 -9.17 1.43 -3.41
CA VAL A 160 -9.53 0.13 -2.85
C VAL A 160 -8.44 -0.92 -3.10
N ASP A 161 -8.09 -1.67 -2.06
CA ASP A 161 -7.27 -2.86 -2.21
C ASP A 161 -8.17 -4.09 -2.16
N LEU A 162 -8.33 -4.76 -3.30
CA LEU A 162 -9.22 -5.92 -3.38
C LEU A 162 -8.56 -7.15 -2.79
N GLY A 163 -9.02 -7.55 -1.61
CA GLY A 163 -8.42 -8.66 -0.89
C GLY A 163 -7.23 -8.13 -0.14
N SER A 164 -7.49 -7.42 0.95
CA SER A 164 -6.48 -6.57 1.58
C SER A 164 -5.68 -7.22 2.71
N GLY A 165 -5.95 -8.47 3.03
CA GLY A 165 -5.18 -9.16 4.06
C GLY A 165 -5.29 -8.51 5.43
N VAL A 166 -4.15 -8.25 6.07
CA VAL A 166 -4.17 -7.58 7.37
C VAL A 166 -4.16 -6.07 7.17
N GLY A 167 -4.11 -5.63 5.91
CA GLY A 167 -4.37 -4.25 5.56
C GLY A 167 -3.17 -3.34 5.33
N GLN A 168 -1.97 -3.93 5.25
CA GLN A 168 -0.74 -3.14 5.24
C GLN A 168 -0.59 -2.29 3.98
N VAL A 169 -1.12 -2.76 2.85
CA VAL A 169 -1.05 -2.00 1.60
C VAL A 169 -1.98 -0.79 1.64
N VAL A 170 -3.16 -0.96 2.23
CA VAL A 170 -4.06 0.16 2.44
C VAL A 170 -3.43 1.21 3.35
N LEU A 171 -2.81 0.75 4.43
CA LEU A 171 -2.17 1.66 5.37
C LEU A 171 -1.04 2.45 4.69
N GLN A 172 -0.25 1.77 3.87
CA GLN A 172 0.85 2.43 3.18
C GLN A 172 0.35 3.50 2.20
N VAL A 173 -0.67 3.17 1.42
CA VAL A 173 -1.19 4.14 0.46
C VAL A 173 -1.86 5.30 1.19
N ALA A 174 -2.60 4.98 2.26
CA ALA A 174 -3.27 6.02 3.04
C ALA A 174 -2.28 6.98 3.69
N ALA A 175 -1.10 6.48 4.05
CA ALA A 175 -0.08 7.34 4.66
C ALA A 175 0.58 8.23 3.61
N ALA A 176 0.55 7.79 2.35
CA ALA A 176 1.29 8.44 1.29
C ALA A 176 0.47 9.40 0.44
N THR A 177 -0.79 9.08 0.20
CA THR A 177 -1.60 9.89 -0.72
C THR A 177 -2.67 10.69 -0.01
N ASN A 178 -3.37 11.53 -0.75
CA ASN A 178 -4.49 12.26 -0.20
C ASN A 178 -5.80 11.92 -0.88
N CYS A 179 -6.01 10.65 -1.22
CA CYS A 179 -7.32 10.19 -1.69
C CYS A 179 -8.37 10.54 -0.64
N LYS A 180 -9.59 10.81 -1.10
CA LYS A 180 -10.70 11.12 -0.20
C LYS A 180 -10.92 9.99 0.79
N HIS A 181 -10.74 8.75 0.34
CA HIS A 181 -10.88 7.60 1.22
C HIS A 181 -10.15 6.37 0.67
N HIS A 182 -9.65 5.55 1.57
CA HIS A 182 -8.97 4.30 1.21
C HIS A 182 -9.70 3.12 1.82
N TYR A 183 -9.92 2.07 1.04
CA TYR A 183 -10.63 0.91 1.55
C TYR A 183 -9.83 -0.38 1.39
N GLY A 184 -9.98 -1.27 2.36
CA GLY A 184 -9.50 -2.63 2.23
C GLY A 184 -10.63 -3.58 2.54
N VAL A 185 -10.90 -4.50 1.62
CA VAL A 185 -11.92 -5.51 1.86
C VAL A 185 -11.26 -6.89 1.93
N GLU A 186 -11.54 -7.61 3.01
CA GLU A 186 -10.93 -8.93 3.24
C GLU A 186 -11.99 -9.94 3.64
N LYS A 187 -11.90 -11.14 3.07
CA LYS A 187 -12.94 -12.15 3.23
C LYS A 187 -12.74 -13.07 4.42
N ALA A 188 -11.49 -13.45 4.70
CA ALA A 188 -11.22 -14.49 5.70
C ALA A 188 -11.18 -13.93 7.12
N ASP A 189 -11.42 -14.81 8.08
CA ASP A 189 -11.57 -14.43 9.48
C ASP A 189 -10.28 -13.91 10.10
N ILE A 190 -9.24 -14.74 10.05
CA ILE A 190 -7.96 -14.45 10.68
C ILE A 190 -7.31 -13.15 10.19
N PRO A 191 -7.19 -12.96 8.85
CA PRO A 191 -6.56 -11.69 8.48
C PRO A 191 -7.43 -10.47 8.79
N ALA A 192 -8.74 -10.62 8.68
CA ALA A 192 -9.66 -9.52 8.98
C ALA A 192 -9.57 -9.13 10.45
N LYS A 193 -9.39 -10.14 11.30
CA LYS A 193 -9.25 -9.91 12.75
C LYS A 193 -7.96 -9.17 13.06
N TYR A 194 -6.86 -9.63 12.47
CA TYR A 194 -5.57 -8.96 12.61
C TYR A 194 -5.63 -7.53 12.10
N ALA A 195 -6.42 -7.32 11.05
CA ALA A 195 -6.55 -6.01 10.43
C ALA A 195 -7.15 -4.99 11.41
N GLU A 196 -7.99 -5.46 12.31
CA GLU A 196 -8.57 -4.59 13.31
C GLU A 196 -7.48 -4.08 14.25
N THR A 197 -6.57 -4.97 14.62
CA THR A 197 -5.44 -4.60 15.45
C THR A 197 -4.46 -3.70 14.68
N MET A 198 -4.19 -4.06 13.42
CA MET A 198 -3.30 -3.27 12.58
C MET A 198 -3.79 -1.83 12.49
N ASP A 199 -5.11 -1.67 12.32
CA ASP A 199 -5.74 -0.36 12.27
C ASP A 199 -5.47 0.46 13.55
N ARG A 200 -5.74 -0.14 14.70
CA ARG A 200 -5.55 0.53 15.99
C ARG A 200 -4.10 0.88 16.26
N GLU A 201 -3.21 -0.06 15.98
CA GLU A 201 -1.78 0.15 16.18
C GLU A 201 -1.23 1.23 15.25
N PHE A 202 -1.70 1.24 14.01
CA PHE A 202 -1.25 2.20 13.03
C PHE A 202 -1.57 3.64 13.44
N ARG A 203 -2.82 3.87 13.83
CA ARG A 203 -3.23 5.20 14.27
C ARG A 203 -2.42 5.65 15.48
N LYS A 204 -2.17 4.71 16.39
CA LYS A 204 -1.39 5.02 17.60
C LYS A 204 0.05 5.38 17.25
N TRP A 205 0.69 4.59 16.39
CA TRP A 205 2.09 4.84 16.08
C TRP A 205 2.28 6.06 15.20
N MET A 206 1.36 6.32 14.27
CA MET A 206 1.44 7.51 13.45
C MET A 206 1.35 8.77 14.32
N LYS A 207 0.50 8.74 15.34
CA LYS A 207 0.41 9.83 16.31
C LYS A 207 1.72 9.96 17.10
N TRP A 208 2.32 8.83 17.44
CA TRP A 208 3.54 8.81 18.23
C TRP A 208 4.68 9.52 17.50
N TYR A 209 4.72 9.37 16.18
CA TYR A 209 5.73 10.03 15.36
C TYR A 209 5.30 11.43 14.96
N GLY A 210 4.01 11.72 15.13
CA GLY A 210 3.46 13.01 14.74
C GLY A 210 3.25 13.11 13.24
N LYS A 211 2.77 12.02 12.65
CA LYS A 211 2.60 11.94 11.20
C LYS A 211 1.14 11.80 10.78
N LYS A 212 0.82 12.35 9.62
CA LYS A 212 -0.55 12.38 9.13
C LYS A 212 -0.82 11.23 8.16
N HIS A 213 -2.07 10.77 8.14
CA HIS A 213 -2.52 9.83 7.13
C HIS A 213 -3.89 10.26 6.62
N ALA A 214 -4.21 9.87 5.38
CA ALA A 214 -5.53 10.11 4.82
C ALA A 214 -6.52 9.12 5.45
N GLU A 215 -7.81 9.38 5.23
CA GLU A 215 -8.85 8.51 5.78
C GLU A 215 -8.79 7.12 5.17
N TYR A 216 -9.04 6.12 5.99
CA TYR A 216 -9.09 4.75 5.50
C TYR A 216 -10.00 3.88 6.35
N THR A 217 -10.47 2.79 5.76
CA THR A 217 -11.34 1.84 6.43
C THR A 217 -10.94 0.41 6.04
N LEU A 218 -10.73 -0.44 7.03
CA LEU A 218 -10.48 -1.85 6.76
C LEU A 218 -11.74 -2.66 7.07
N GLU A 219 -12.34 -3.23 6.03
CA GLU A 219 -13.61 -3.93 6.18
C GLU A 219 -13.50 -5.42 5.98
N ARG A 220 -14.48 -6.14 6.49
CA ARG A 220 -14.63 -7.53 6.19
C ARG A 220 -15.61 -7.68 5.07
N GLY A 221 -15.38 -8.65 4.20
CA GLY A 221 -16.33 -8.95 3.15
C GLY A 221 -15.73 -9.59 1.91
N ASP A 222 -16.61 -9.91 0.97
CA ASP A 222 -16.22 -10.50 -0.31
C ASP A 222 -16.38 -9.47 -1.42
N PHE A 223 -15.31 -9.17 -2.16
CA PHE A 223 -15.40 -8.12 -3.18
C PHE A 223 -16.17 -8.59 -4.42
N LEU A 224 -16.64 -9.83 -4.40
CA LEU A 224 -17.49 -10.34 -5.47
C LEU A 224 -18.96 -10.23 -5.09
N SER A 225 -19.22 -9.79 -3.86
CA SER A 225 -20.59 -9.68 -3.36
C SER A 225 -21.39 -8.62 -4.12
N GLU A 226 -22.70 -8.66 -3.95
CA GLU A 226 -23.58 -7.75 -4.70
C GLU A 226 -23.42 -6.33 -4.17
N GLU A 227 -23.13 -6.21 -2.89
CA GLU A 227 -22.81 -4.92 -2.28
C GLU A 227 -21.60 -4.27 -2.95
N TRP A 228 -20.57 -5.04 -3.22
CA TRP A 228 -19.34 -4.48 -3.75
C TRP A 228 -19.41 -4.19 -5.25
N ARG A 229 -20.50 -4.60 -5.89
CA ARG A 229 -20.69 -4.29 -7.30
C ARG A 229 -20.72 -2.78 -7.53
N GLU A 230 -21.60 -2.10 -6.80
CA GLU A 230 -21.72 -0.66 -6.95
C GLU A 230 -20.49 0.05 -6.39
N ARG A 231 -19.92 -0.51 -5.33
CA ARG A 231 -18.76 0.09 -4.70
C ARG A 231 -17.55 0.07 -5.64
N ILE A 232 -17.34 -1.03 -6.34
CA ILE A 232 -16.29 -1.11 -7.34
C ILE A 232 -16.55 -0.11 -8.47
N ALA A 233 -17.81 -0.04 -8.90
CA ALA A 233 -18.21 0.88 -9.98
C ALA A 233 -17.89 2.34 -9.65
N ASN A 234 -17.93 2.68 -8.36
CA ASN A 234 -17.68 4.07 -7.93
C ASN A 234 -16.25 4.31 -7.45
N THR A 235 -15.39 3.29 -7.59
CA THR A 235 -14.00 3.41 -7.20
C THR A 235 -13.16 3.95 -8.36
N SER A 236 -12.25 4.88 -8.07
CA SER A 236 -11.43 5.46 -9.14
C SER A 236 -10.05 4.83 -9.24
N VAL A 237 -9.56 4.23 -8.16
CA VAL A 237 -8.26 3.55 -8.19
C VAL A 237 -8.30 2.23 -7.44
N ILE A 238 -8.11 1.14 -8.18
CA ILE A 238 -8.14 -0.22 -7.64
C ILE A 238 -6.77 -0.88 -7.72
N PHE A 239 -6.28 -1.39 -6.60
CA PHE A 239 -5.10 -2.26 -6.58
C PHE A 239 -5.58 -3.68 -6.35
N VAL A 240 -5.11 -4.62 -7.15
CA VAL A 240 -5.46 -6.02 -6.90
C VAL A 240 -4.28 -6.90 -7.30
N ASN A 241 -3.82 -7.71 -6.35
CA ASN A 241 -2.76 -8.66 -6.62
C ASN A 241 -3.38 -9.96 -7.10
N ASN A 242 -3.62 -10.05 -8.40
CA ASN A 242 -4.47 -11.10 -8.96
C ASN A 242 -3.72 -12.20 -9.70
N PHE A 243 -2.39 -12.18 -9.63
CA PHE A 243 -1.57 -13.11 -10.40
C PHE A 243 -2.02 -14.56 -10.24
N ALA A 244 -2.27 -14.97 -9.00
CA ALA A 244 -2.66 -16.35 -8.74
C ALA A 244 -4.17 -16.56 -8.75
N PHE A 245 -4.94 -15.57 -9.17
CA PHE A 245 -6.39 -15.75 -9.26
C PHE A 245 -6.74 -16.72 -10.38
N GLY A 246 -7.73 -17.58 -10.15
CA GLY A 246 -8.22 -18.46 -11.18
C GLY A 246 -9.02 -17.69 -12.21
N PRO A 247 -9.30 -18.33 -13.36
CA PRO A 247 -9.97 -17.67 -14.49
C PRO A 247 -11.40 -17.21 -14.18
N GLU A 248 -12.07 -17.89 -13.26
CA GLU A 248 -13.45 -17.54 -12.93
C GLU A 248 -13.52 -16.26 -12.09
N VAL A 249 -12.62 -16.15 -11.12
CA VAL A 249 -12.56 -14.95 -10.30
C VAL A 249 -12.17 -13.74 -11.13
N ASP A 250 -11.20 -13.93 -12.03
CA ASP A 250 -10.77 -12.86 -12.92
C ASP A 250 -11.90 -12.42 -13.84
N HIS A 251 -12.68 -13.39 -14.33
CA HIS A 251 -13.80 -13.06 -15.21
C HIS A 251 -14.85 -12.23 -14.46
N GLN A 252 -15.16 -12.66 -13.24
CA GLN A 252 -16.10 -11.92 -12.40
C GLN A 252 -15.61 -10.49 -12.16
N LEU A 253 -14.31 -10.32 -11.97
CA LEU A 253 -13.76 -8.99 -11.76
C LEU A 253 -13.90 -8.12 -13.01
N LYS A 254 -13.65 -8.71 -14.17
CA LYS A 254 -13.82 -7.99 -15.44
C LYS A 254 -15.25 -7.46 -15.55
N GLU A 255 -16.22 -8.27 -15.13
CA GLU A 255 -17.62 -7.85 -15.14
C GLU A 255 -17.85 -6.65 -14.21
N ARG A 256 -17.17 -6.66 -13.06
CA ARG A 256 -17.28 -5.56 -12.11
C ARG A 256 -16.67 -4.28 -12.68
N PHE A 257 -15.49 -4.41 -13.28
CA PHE A 257 -14.74 -3.28 -13.80
C PHE A 257 -15.49 -2.57 -14.93
N ALA A 258 -16.34 -3.33 -15.62
CA ALA A 258 -17.08 -2.82 -16.77
C ALA A 258 -18.05 -1.69 -16.40
N ASN A 259 -18.35 -1.58 -15.10
CA ASN A 259 -19.26 -0.53 -14.64
C ASN A 259 -18.52 0.69 -14.11
N MET A 260 -17.20 0.65 -14.11
CA MET A 260 -16.40 1.77 -13.61
C MET A 260 -16.55 2.99 -14.51
N LYS A 261 -16.26 4.15 -13.94
CA LYS A 261 -16.38 5.41 -14.66
C LYS A 261 -15.15 5.70 -15.49
N GLU A 262 -15.33 6.54 -16.50
CA GLU A 262 -14.24 6.97 -17.37
C GLU A 262 -13.05 7.49 -16.56
N GLY A 263 -11.86 7.02 -16.88
CA GLY A 263 -10.67 7.48 -16.19
C GLY A 263 -10.35 6.65 -14.98
N GLY A 264 -11.25 5.74 -14.62
CA GLY A 264 -11.01 4.81 -13.53
C GLY A 264 -9.80 3.95 -13.82
N ARG A 265 -9.03 3.61 -12.79
CA ARG A 265 -7.77 2.90 -12.99
C ARG A 265 -7.66 1.62 -12.17
N ILE A 266 -7.09 0.60 -12.77
CA ILE A 266 -6.84 -0.67 -12.09
C ILE A 266 -5.37 -1.03 -12.25
N VAL A 267 -4.70 -1.25 -11.13
CA VAL A 267 -3.31 -1.67 -11.12
C VAL A 267 -3.25 -3.09 -10.60
N SER A 268 -2.64 -3.98 -11.38
CA SER A 268 -2.63 -5.39 -11.01
C SER A 268 -1.32 -6.06 -11.40
N SER A 269 -1.16 -7.30 -10.94
CA SER A 269 0.04 -8.07 -11.21
C SER A 269 -0.20 -9.04 -12.38
N LYS A 270 -1.40 -9.01 -12.93
CA LYS A 270 -1.74 -9.77 -14.13
C LYS A 270 -2.82 -9.01 -14.88
N PRO A 271 -2.60 -8.79 -16.18
CA PRO A 271 -3.54 -7.95 -16.94
C PRO A 271 -4.93 -8.57 -17.03
N PHE A 272 -5.95 -7.73 -17.12
CA PHE A 272 -7.32 -8.21 -17.27
C PHE A 272 -7.74 -8.19 -18.73
N ALA A 273 -6.88 -7.69 -19.58
CA ALA A 273 -7.11 -7.69 -21.01
C ALA A 273 -5.80 -7.73 -21.71
N PRO A 274 -5.82 -8.21 -23.00
CA PRO A 274 -4.51 -8.26 -23.66
C PRO A 274 -3.97 -6.90 -24.00
N LEU A 275 -2.65 -6.82 -24.08
CA LEU A 275 -1.97 -5.58 -24.33
C LEU A 275 -2.12 -5.10 -25.76
N ASN A 276 -2.29 -6.01 -26.69
CA ASN A 276 -2.41 -5.67 -28.07
C ASN A 276 -3.82 -5.94 -28.51
N PHE A 277 -4.77 -5.56 -27.69
CA PHE A 277 -6.17 -5.85 -28.00
C PHE A 277 -6.64 -5.09 -29.23
N ARG A 278 -7.11 -5.83 -30.23
CA ARG A 278 -7.65 -5.22 -31.44
C ARG A 278 -9.14 -5.56 -31.53
N ILE A 279 -9.96 -4.53 -31.44
CA ILE A 279 -11.39 -4.73 -31.36
C ILE A 279 -11.99 -5.15 -32.70
N ASN A 280 -12.82 -6.19 -32.66
CA ASN A 280 -13.62 -6.59 -33.81
C ASN A 280 -14.96 -7.13 -33.34
N SER A 281 -15.81 -7.52 -34.28
CA SER A 281 -17.18 -7.91 -33.95
C SER A 281 -17.26 -9.29 -33.31
N ARG A 282 -16.12 -9.93 -33.11
CA ARG A 282 -16.08 -11.19 -32.38
C ARG A 282 -15.78 -10.97 -30.89
N ASN A 283 -15.10 -9.87 -30.56
CA ASN A 283 -14.77 -9.58 -29.17
C ASN A 283 -15.43 -8.31 -28.62
N LEU A 284 -16.55 -7.94 -29.21
CA LEU A 284 -17.25 -6.69 -28.89
C LEU A 284 -17.66 -6.54 -27.43
N SER A 285 -17.84 -7.66 -26.75
CA SER A 285 -18.32 -7.66 -25.38
C SER A 285 -17.16 -7.59 -24.37
N ASP A 286 -15.95 -7.89 -24.80
CA ASP A 286 -14.79 -8.01 -23.92
C ASP A 286 -14.35 -6.69 -23.28
N ILE A 287 -13.78 -6.77 -22.09
CA ILE A 287 -13.39 -5.59 -21.31
C ILE A 287 -12.32 -4.77 -22.03
N GLY A 288 -11.55 -5.42 -22.91
CA GLY A 288 -10.55 -4.74 -23.71
C GLY A 288 -11.11 -3.63 -24.57
N THR A 289 -12.41 -3.70 -24.88
CA THR A 289 -13.05 -2.69 -25.72
C THR A 289 -13.15 -1.33 -25.03
N ILE A 290 -13.02 -1.28 -23.71
CA ILE A 290 -13.24 -0.04 -22.98
C ILE A 290 -12.10 0.37 -22.04
N MET A 291 -10.92 -0.20 -22.22
CA MET A 291 -9.79 0.20 -21.38
C MET A 291 -8.44 0.12 -22.10
N ARG A 292 -7.58 1.09 -21.83
CA ARG A 292 -6.19 1.03 -22.24
C ARG A 292 -5.42 0.22 -21.20
N VAL A 293 -4.54 -0.65 -21.66
CA VAL A 293 -3.73 -1.47 -20.78
C VAL A 293 -2.26 -1.30 -21.11
N VAL A 294 -1.46 -0.97 -20.11
CA VAL A 294 -0.03 -0.85 -20.32
C VAL A 294 0.73 -1.62 -19.27
N GLU A 295 1.89 -2.14 -19.66
CA GLU A 295 2.78 -2.78 -18.72
C GLU A 295 3.66 -1.68 -18.12
N LEU A 296 3.67 -1.59 -16.80
CA LEU A 296 4.40 -0.53 -16.12
C LEU A 296 5.87 -0.86 -16.00
N SER A 297 6.69 0.16 -15.84
CA SER A 297 8.10 -0.03 -15.59
C SER A 297 8.34 -0.86 -14.34
N PRO A 298 9.10 -1.95 -14.47
CA PRO A 298 9.45 -2.81 -13.34
C PRO A 298 10.53 -2.15 -12.48
N LEU A 299 10.61 -2.52 -11.22
CA LEU A 299 11.60 -1.96 -10.31
C LEU A 299 12.90 -2.74 -10.43
N LYS A 300 13.98 -2.05 -10.80
CA LYS A 300 15.26 -2.71 -11.04
C LYS A 300 15.67 -3.56 -9.84
N GLY A 301 15.95 -4.83 -10.12
CA GLY A 301 16.32 -5.78 -9.08
C GLY A 301 15.18 -6.04 -8.12
N SER A 302 14.19 -6.80 -8.58
CA SER A 302 13.04 -7.15 -7.75
C SER A 302 12.91 -8.65 -7.56
N VAL A 303 12.40 -9.32 -8.60
CA VAL A 303 12.17 -10.77 -8.61
C VAL A 303 11.06 -11.21 -7.63
N SER A 304 10.20 -12.11 -8.08
CA SER A 304 9.15 -12.67 -7.23
C SER A 304 9.42 -14.14 -6.93
N TRP A 305 8.42 -14.81 -6.36
CA TRP A 305 8.57 -16.21 -5.95
C TRP A 305 8.72 -17.15 -7.15
N THR A 306 8.38 -16.67 -8.33
CA THR A 306 8.57 -17.45 -9.56
C THR A 306 9.97 -17.27 -10.12
N GLY A 307 10.75 -16.39 -9.50
CA GLY A 307 12.11 -16.12 -9.94
C GLY A 307 12.21 -15.09 -11.06
N LYS A 308 11.06 -14.57 -11.48
CA LYS A 308 11.02 -13.57 -12.54
C LYS A 308 10.88 -12.17 -11.96
N PRO A 309 11.39 -11.15 -12.69
CA PRO A 309 11.19 -9.75 -12.30
C PRO A 309 9.72 -9.40 -12.27
N VAL A 310 9.30 -8.61 -11.29
CA VAL A 310 7.88 -8.27 -11.15
C VAL A 310 7.43 -7.26 -12.20
N SER A 311 6.32 -7.57 -12.86
CA SER A 311 5.72 -6.63 -13.80
C SER A 311 4.34 -6.23 -13.31
N TYR A 312 3.95 -5.00 -13.57
CA TYR A 312 2.65 -4.53 -13.18
C TYR A 312 1.87 -4.06 -14.37
N TYR A 313 0.58 -3.95 -14.22
CA TYR A 313 -0.27 -3.59 -15.34
C TYR A 313 -1.26 -2.51 -14.93
N LEU A 314 -1.28 -1.43 -15.72
CA LEU A 314 -2.18 -0.31 -15.49
C LEU A 314 -3.32 -0.33 -16.49
N HIS A 315 -4.55 -0.44 -15.99
CA HIS A 315 -5.73 -0.38 -16.84
C HIS A 315 -6.41 0.96 -16.61
N THR A 316 -6.73 1.67 -17.70
CA THR A 316 -7.47 2.92 -17.60
C THR A 316 -8.76 2.84 -18.40
N ILE A 317 -9.89 3.06 -17.74
CA ILE A 317 -11.18 3.04 -18.42
C ILE A 317 -11.24 4.15 -19.46
N ASP A 318 -11.51 3.77 -20.70
CA ASP A 318 -11.52 4.70 -21.83
C ASP A 318 -12.48 4.20 -22.91
N ARG A 319 -13.71 4.69 -22.87
CA ARG A 319 -14.74 4.17 -23.76
C ARG A 319 -14.69 4.78 -25.15
N THR A 320 -13.72 5.67 -25.39
CA THR A 320 -13.54 6.21 -26.74
C THR A 320 -13.02 5.15 -27.68
N ILE A 321 -12.36 4.12 -27.13
CA ILE A 321 -11.91 2.99 -27.93
C ILE A 321 -13.08 2.33 -28.65
N LEU A 322 -14.14 2.07 -27.89
CA LEU A 322 -15.35 1.47 -28.42
C LEU A 322 -16.07 2.42 -29.37
N GLU A 323 -16.16 3.69 -28.97
CA GLU A 323 -16.82 4.72 -29.77
C GLU A 323 -16.21 4.81 -31.16
N ASN A 324 -14.91 4.86 -31.23
CA ASN A 324 -14.18 4.96 -32.47
C ASN A 324 -14.34 3.74 -33.36
N TYR A 325 -14.47 2.59 -32.74
CA TYR A 325 -14.74 1.38 -33.50
C TYR A 325 -16.08 1.48 -34.20
N PHE A 326 -17.11 1.92 -33.48
CA PHE A 326 -18.45 2.06 -34.06
C PHE A 326 -18.45 3.11 -35.16
N SER A 327 -17.66 4.15 -35.01
CA SER A 327 -17.55 5.11 -36.06
C SER A 327 -16.92 4.54 -37.29
N SER A 328 -15.91 3.72 -37.11
CA SER A 328 -15.20 3.13 -38.24
C SER A 328 -16.11 2.23 -39.06
N LEU A 329 -17.10 1.63 -38.40
CA LEU A 329 -18.08 0.78 -39.07
C LEU A 329 -18.95 1.57 -40.04
N LYS A 330 -19.10 2.85 -39.80
CA LYS A 330 -19.90 3.67 -40.66
C LYS A 330 -19.13 4.15 -41.86
N ASN A 331 -17.82 4.02 -41.82
CA ASN A 331 -16.95 4.37 -42.94
C ASN A 331 -16.78 3.19 -43.91
N PRO A 332 -17.28 3.35 -45.15
CA PRO A 332 -17.22 2.25 -46.11
C PRO A 332 -15.79 1.81 -46.45
N LYS A 333 -14.85 2.76 -46.49
CA LYS A 333 -13.45 2.45 -46.75
C LYS A 333 -12.84 1.61 -45.63
N LEU A 334 -13.05 2.04 -44.39
CA LEU A 334 -12.57 1.29 -43.25
C LEU A 334 -13.28 -0.05 -43.14
N ARG A 335 -14.53 -0.08 -43.56
CA ARG A 335 -15.33 -1.30 -43.51
C ARG A 335 -14.76 -2.38 -44.42
N GLU A 336 -14.37 -2.00 -45.64
CA GLU A 336 -13.78 -2.95 -46.56
C GLU A 336 -12.44 -3.44 -46.04
N GLU A 337 -11.67 -2.54 -45.43
CA GLU A 337 -10.36 -2.89 -44.90
C GLU A 337 -10.51 -3.94 -43.79
N GLN A 338 -11.41 -3.68 -42.85
CA GLN A 338 -11.69 -4.61 -41.76
C GLN A 338 -12.15 -5.97 -42.25
N GLU A 339 -13.04 -5.98 -43.24
CA GLU A 339 -13.64 -7.23 -43.72
C GLU A 339 -12.66 -8.05 -44.56
N ALA A 340 -11.74 -7.37 -45.24
CA ALA A 340 -10.72 -8.06 -46.02
C ALA A 340 -9.65 -8.63 -45.09
N ALA A 341 -9.41 -7.94 -43.98
CA ALA A 341 -8.48 -8.40 -42.96
C ALA A 341 -8.97 -9.70 -42.34
N ARG A 342 -10.24 -9.71 -41.95
CA ARG A 342 -10.84 -10.87 -41.30
C ARG A 342 -10.74 -12.13 -42.15
N ARG A 343 -11.00 -11.99 -43.44
CA ARG A 343 -10.98 -13.13 -44.33
C ARG A 343 -9.55 -13.65 -44.52
N ARG A 344 -8.59 -12.74 -44.50
CA ARG A 344 -7.19 -13.08 -44.62
C ARG A 344 -6.69 -13.76 -43.36
N GLN A 345 -7.20 -13.31 -42.21
CA GLN A 345 -6.80 -13.84 -40.92
C GLN A 345 -7.22 -15.29 -40.77
N GLN A 346 -8.41 -15.63 -41.25
CA GLN A 346 -8.89 -17.00 -41.20
C GLN A 346 -8.10 -17.89 -42.16
N ARG A 347 -6.86 -18.18 -41.78
CA ARG A 347 -5.98 -19.01 -42.60
C ARG A 347 -4.83 -19.54 -41.75
C4 3US B . -10.43 -11.93 -0.79
C3 3US B . -11.05 -12.58 -1.91
C1 3US B . -9.08 -13.32 -1.68
OBA 3US B . -0.89 -7.32 -1.31
CAY 3US B . -1.88 -6.69 -1.17
NAZ 3US B . -2.26 -5.78 -2.02
CBB 3US B . -1.63 -5.50 -3.16
CBG 3US B . -2.36 -5.07 -4.24
CBF 3US B . -1.74 -4.76 -5.42
CBC 3US B . -0.28 -5.61 -3.29
CBD 3US B . 0.34 -5.31 -4.47
CBE 3US B . -0.36 -4.88 -5.56
CBH 3US B . 0.36 -4.54 -6.83
CBK 3US B . -0.56 -4.72 -8.02
CBJ 3US B . 0.84 -3.13 -6.78
CBI 3US B . 1.56 -5.43 -7.04
NAX 3US B . -2.64 -6.89 -0.13
CAW 3US B . -2.43 -7.95 0.81
CAV 3US B . -3.28 -9.19 0.59
CAT 3US B . -3.20 -9.82 -0.79
NAS 3US B . -4.43 -10.55 -1.11
CAU 3US B . -4.44 -11.21 -2.42
CBL 3US B . -5.41 -10.50 -3.31
CBM 3US B . -3.11 -11.47 -3.11
CAR 3US B . -4.65 -11.68 -0.20
CAN 3US B . -5.97 -11.63 0.53
CAM 3US B . -6.24 -12.88 1.32
OAQ 3US B . -6.37 -12.48 2.68
CAL 3US B . -7.56 -13.36 0.82
OAP 3US B . -8.36 -13.81 1.88
CAK 3US B . -8.19 -12.13 0.26
OAO 3US B . -7.07 -11.54 -0.34
NAG 3US B . -9.22 -12.44 -0.71
N2 3US B . -10.17 -13.41 -2.42
N5 3US B . -11.13 -11.03 -0.13
C6 3US B . -12.37 -10.75 -0.50
C7 3US B . -12.42 -12.22 -2.28
N8 3US B . -13.01 -11.32 -1.53
N9 3US B . -13.03 -12.81 -3.33
C10 3US B . -13.29 -14.24 -3.28
C11 3US B . -12.77 -15.06 -4.44
C12 3US B . -11.82 -16.19 -4.05
C13 3US B . -10.38 -15.86 -4.46
N15 3US B . -9.60 -16.98 -4.94
C16 3US B . -8.31 -17.14 -4.65
O17 3US B . -7.71 -16.38 -3.96
C18 3US B . -7.59 -18.33 -5.20
S SO4 C . -6.81 9.15 13.79
O1 SO4 C . -5.62 8.32 13.74
O2 SO4 C . -7.88 8.43 14.48
O3 SO4 C . -7.25 9.46 12.43
O4 SO4 C . -6.52 10.39 14.49
S SO4 D . 1.76 -4.06 22.60
O1 SO4 D . 2.34 -4.96 21.60
O2 SO4 D . 1.10 -4.85 23.63
O3 SO4 D . 0.79 -3.17 21.96
O4 SO4 D . 2.83 -3.26 23.19
S SO4 E . -13.05 -13.81 -19.76
O1 SO4 E . -12.51 -14.22 -18.47
O2 SO4 E . -13.40 -15.00 -20.54
O3 SO4 E . -14.23 -12.99 -19.56
O4 SO4 E . -12.03 -13.04 -20.49
C1 GOL F . -16.26 2.55 -1.15
O1 GOL F . -17.57 2.09 -1.37
C2 GOL F . -15.74 3.36 -2.33
O2 GOL F . -14.62 2.71 -2.89
C3 GOL F . -16.83 3.54 -3.37
O3 GOL F . -17.93 4.23 -2.82
C1 EDO G . 11.44 11.04 8.10
O1 EDO G . 12.74 10.92 7.52
C2 EDO G . 10.69 12.20 7.45
O2 EDO G . 9.34 12.19 7.91
C1 EDO H . 1.52 16.37 3.01
O1 EDO H . 0.33 16.70 3.73
C2 EDO H . 2.73 17.00 3.70
O2 EDO H . 3.92 16.35 3.26
C1 EDO I . -2.32 4.21 -21.30
O1 EDO I . -1.97 4.95 -20.13
C2 EDO I . -1.52 4.70 -22.50
O2 EDO I . -1.78 3.88 -23.64
#